data_4XYG
#
_entry.id   4XYG
#
_cell.length_a   60.166
_cell.length_b   60.166
_cell.length_c   179.683
_cell.angle_alpha   90.00
_cell.angle_beta   90.00
_cell.angle_gamma   120.00
#
_symmetry.space_group_name_H-M   'P 31 2 1'
#
loop_
_entity.id
_entity.type
_entity.pdbx_description
1 polymer 'Formate dehydrogenase'
2 water water
#
_entity_poly.entity_id   1
_entity_poly.type   'polypeptide(L)'
_entity_poly.pdbx_seq_one_letter_code
;MAKVLCVLYDDPTSGYPPLYARNAIPKIERYPDGQTVPNPKHIDFVPGELLGCVSGELGLRSYLEDLGHTFIVTSDKEGP
NSVFEKELPDADIVISQPFWPAYLTAERIAKAKKLKLALTAGIGSDHVDLNAAIKAGITVAEETFSNGICVAEHAVMMIL
ALVRNYLPSHKIAEEGGWNIADCVSRSYDLEGMHVGTVAAGRIGLAVLRRLKPFDVKLHYTARHRSPRAIEDELGLTYHA
TAEEMAEVCDVISIHAPLYPATEHLFNAKVLNKMRHGSYLVNTARAEICDRDDIVRALESGQLAGYAGDVWFPQPAPANH
PWRNMPHNGMTPHMSGSSLSGQARYAAGTREILECWFENRPIRDEYLIVSNGKLAGTGAKSYGVGEAPKGK
;
_entity_poly.pdbx_strand_id   A
#
# COMPACT_ATOMS: atom_id res chain seq x y z
N ALA A 2 -8.89 0.02 29.19
CA ALA A 2 -8.38 -0.92 28.20
C ALA A 2 -6.92 -0.65 27.89
N LYS A 3 -6.25 -1.66 27.32
CA LYS A 3 -4.87 -1.50 26.91
C LYS A 3 -4.78 -1.53 25.39
N VAL A 4 -4.21 -0.47 24.83
CA VAL A 4 -4.06 -0.31 23.38
C VAL A 4 -2.58 -0.44 23.06
N LEU A 5 -2.22 -1.45 22.26
CA LEU A 5 -0.83 -1.72 21.90
C LEU A 5 -0.66 -1.38 20.43
N CYS A 6 0.16 -0.36 20.16
CA CYS A 6 0.24 0.25 18.84
C CYS A 6 1.67 0.25 18.34
N VAL A 7 1.88 -0.34 17.16
CA VAL A 7 3.22 -0.45 16.59
C VAL A 7 3.33 0.55 15.42
N LEU A 8 4.38 1.37 15.42
CA LEU A 8 4.56 2.42 14.41
C LEU A 8 6.01 2.43 13.99
N TYR A 9 6.33 3.07 12.85
CA TYR A 9 7.72 3.07 12.42
C TYR A 9 8.57 4.11 13.16
N ASP A 10 9.87 4.04 12.99
CA ASP A 10 10.77 4.94 13.71
C ASP A 10 10.63 6.41 13.29
N ASP A 11 10.99 7.29 14.22
CA ASP A 11 11.00 8.73 14.00
C ASP A 11 11.96 9.11 12.87
N PRO A 12 11.78 10.31 12.31
CA PRO A 12 12.74 10.83 11.33
C PRO A 12 14.15 10.88 11.91
N THR A 13 15.14 10.61 11.05
CA THR A 13 16.55 10.67 11.41
C THR A 13 16.93 11.98 12.13
N SER A 14 16.40 13.10 11.64
CA SER A 14 16.71 14.41 12.20
C SER A 14 15.88 14.78 13.43
N GLY A 15 15.00 13.87 13.86
CA GLY A 15 14.19 14.09 15.05
C GLY A 15 12.74 14.44 14.76
N TYR A 16 11.91 14.38 15.80
CA TYR A 16 10.49 14.70 15.67
C TYR A 16 10.17 15.96 16.47
N PRO A 17 9.34 16.85 15.90
CA PRO A 17 8.71 16.77 14.59
C PRO A 17 9.65 17.22 13.47
N PRO A 18 9.39 16.79 12.24
CA PRO A 18 10.20 17.26 11.12
C PRO A 18 9.82 18.70 10.81
N LEU A 19 10.61 19.37 9.97
CA LEU A 19 10.24 20.71 9.51
C LEU A 19 9.29 20.59 8.33
N TYR A 20 8.01 20.91 8.54
CA TYR A 20 7.01 20.72 7.50
C TYR A 20 7.19 21.74 6.39
N ALA A 21 7.04 21.27 5.15
CA ALA A 21 7.10 22.10 3.96
C ALA A 21 5.92 23.07 3.85
N ARG A 22 4.77 22.65 4.39
CA ARG A 22 3.57 23.47 4.34
C ARG A 22 2.76 23.28 5.62
N ASN A 23 1.82 24.17 5.91
CA ASN A 23 1.08 24.04 7.15
C ASN A 23 -0.37 23.65 6.99
N ALA A 24 -0.79 23.35 5.75
CA ALA A 24 -2.14 22.86 5.50
C ALA A 24 -2.15 21.95 4.28
N ILE A 25 -3.10 21.01 4.24
CA ILE A 25 -3.29 20.15 3.07
C ILE A 25 -4.74 20.23 2.60
N PRO A 26 -5.01 19.80 1.35
CA PRO A 26 -6.40 19.83 0.87
C PRO A 26 -7.36 19.06 1.77
N LYS A 27 -8.59 19.54 1.89
CA LYS A 27 -9.61 18.81 2.63
C LYS A 27 -10.35 17.88 1.67
N ILE A 28 -10.11 16.58 1.79
CA ILE A 28 -10.82 15.61 0.95
C ILE A 28 -12.11 15.25 1.67
N GLU A 29 -13.23 15.20 0.95
CA GLU A 29 -14.55 14.97 1.55
C GLU A 29 -15.09 13.57 1.27
N ARG A 30 -14.81 13.07 0.07
CA ARG A 30 -15.29 11.74 -0.28
C ARG A 30 -14.39 11.06 -1.26
N TYR A 31 -14.57 9.75 -1.40
CA TYR A 31 -13.79 8.93 -2.32
C TYR A 31 -14.57 8.79 -3.61
N PRO A 32 -13.91 8.31 -4.69
CA PRO A 32 -14.56 8.31 -6.01
C PRO A 32 -15.83 7.46 -6.11
N ASP A 33 -16.03 6.49 -5.21
CA ASP A 33 -17.24 5.67 -5.25
C ASP A 33 -18.36 6.23 -4.39
N GLY A 34 -18.12 7.39 -3.78
CA GLY A 34 -19.13 8.04 -2.95
C GLY A 34 -18.97 7.80 -1.46
N GLN A 35 -18.10 6.87 -1.07
CA GLN A 35 -17.82 6.66 0.34
C GLN A 35 -17.30 7.95 0.97
N THR A 36 -17.80 8.31 2.15
CA THR A 36 -17.26 9.50 2.84
C THR A 36 -15.93 9.21 3.56
N VAL A 37 -15.11 10.25 3.68
CA VAL A 37 -13.88 10.18 4.47
C VAL A 37 -14.25 9.99 5.94
N PRO A 38 -13.26 9.62 6.78
CA PRO A 38 -13.63 9.35 8.17
C PRO A 38 -14.23 10.55 8.89
N ASN A 39 -15.09 10.28 9.87
CA ASN A 39 -15.76 11.34 10.60
C ASN A 39 -15.67 11.18 12.11
N PRO A 40 -14.44 11.20 12.65
CA PRO A 40 -14.34 11.16 14.11
C PRO A 40 -14.95 12.43 14.70
N LYS A 41 -15.31 12.38 15.98
CA LYS A 41 -15.94 13.54 16.61
C LYS A 41 -14.95 14.70 16.74
N HIS A 42 -13.68 14.36 16.96
CA HIS A 42 -12.60 15.34 17.06
C HIS A 42 -11.30 14.68 16.60
N ILE A 43 -10.37 15.51 16.12
CA ILE A 43 -9.00 15.05 15.96
C ILE A 43 -8.04 15.94 16.75
N ASP A 44 -6.94 15.35 17.21
CA ASP A 44 -5.94 16.06 17.99
C ASP A 44 -4.65 16.25 17.20
N PHE A 45 -4.80 16.53 15.91
CA PHE A 45 -3.68 16.85 15.05
C PHE A 45 -4.18 17.80 13.96
N VAL A 46 -3.25 18.52 13.35
CA VAL A 46 -3.53 19.31 12.17
C VAL A 46 -3.21 18.44 10.97
N PRO A 47 -4.20 18.20 10.09
CA PRO A 47 -3.91 17.36 8.92
C PRO A 47 -2.69 17.90 8.18
N GLY A 48 -1.76 17.00 7.88
CA GLY A 48 -0.47 17.39 7.37
C GLY A 48 0.64 16.96 8.31
N GLU A 49 0.32 16.77 9.58
CA GLU A 49 1.33 16.32 10.53
C GLU A 49 1.79 14.87 10.29
N LEU A 50 3.04 14.60 10.67
CA LEU A 50 3.58 13.25 10.61
C LEU A 50 3.01 12.43 11.76
N LEU A 51 2.23 11.40 11.45
CA LEU A 51 1.48 10.69 12.49
C LEU A 51 1.86 9.21 12.62
N GLY A 52 2.49 8.65 11.59
CA GLY A 52 2.72 7.22 11.55
C GLY A 52 4.00 6.71 12.17
N CYS A 53 4.79 7.60 12.77
CA CYS A 53 5.99 7.18 13.49
C CYS A 53 5.74 7.16 14.99
N VAL A 54 6.67 6.60 15.75
CA VAL A 54 6.50 6.43 17.20
C VAL A 54 6.10 7.72 17.92
N SER A 55 6.75 8.84 17.62
CA SER A 55 6.40 10.08 18.30
C SER A 55 5.11 10.74 17.80
N GLY A 56 4.66 10.36 16.61
CA GLY A 56 3.43 10.88 16.06
C GLY A 56 2.19 10.27 16.69
N GLU A 57 2.30 9.00 17.05
CA GLU A 57 1.31 8.30 17.87
C GLU A 57 -0.09 8.19 17.24
N LEU A 58 -0.16 8.37 15.92
CA LEU A 58 -1.46 8.47 15.22
C LEU A 58 -2.39 9.51 15.85
N GLY A 59 -1.82 10.45 16.61
CA GLY A 59 -2.60 11.50 17.22
C GLY A 59 -3.55 11.02 18.31
N LEU A 60 -3.28 9.83 18.87
CA LEU A 60 -4.25 9.19 19.76
C LEU A 60 -4.03 9.34 21.28
N ARG A 61 -2.83 9.75 21.70
CA ARG A 61 -2.47 9.59 23.13
C ARG A 61 -3.36 10.34 24.12
N SER A 62 -3.54 11.65 23.90
CA SER A 62 -4.39 12.44 24.79
C SER A 62 -5.82 11.91 24.86
N TYR A 63 -6.38 11.57 23.70
CA TYR A 63 -7.71 10.96 23.64
C TYR A 63 -7.81 9.68 24.47
N LEU A 64 -6.88 8.75 24.26
CA LEU A 64 -6.92 7.46 24.95
C LEU A 64 -6.66 7.61 26.46
N GLU A 65 -5.61 8.36 26.79
CA GLU A 65 -5.22 8.48 28.19
C GLU A 65 -6.24 9.25 29.05
N ASP A 66 -6.93 10.20 28.44
CA ASP A 66 -8.00 10.94 29.13
C ASP A 66 -9.13 10.00 29.59
N LEU A 67 -9.40 8.99 28.78
CA LEU A 67 -10.44 8.00 29.10
C LEU A 67 -9.96 6.92 30.07
N GLY A 68 -8.69 6.99 30.46
CA GLY A 68 -8.13 5.98 31.35
C GLY A 68 -7.46 4.81 30.67
N HIS A 69 -7.33 4.86 29.34
CA HIS A 69 -6.73 3.72 28.67
C HIS A 69 -5.21 3.76 28.71
N THR A 70 -4.57 2.59 28.69
CA THR A 70 -3.13 2.47 28.57
C THR A 70 -2.76 2.41 27.09
N PHE A 71 -1.80 3.24 26.67
CA PHE A 71 -1.42 3.34 25.26
C PHE A 71 0.08 3.08 25.16
N ILE A 72 0.44 1.92 24.65
CA ILE A 72 1.84 1.55 24.49
C ILE A 72 2.22 1.67 23.02
N VAL A 73 3.16 2.55 22.71
CA VAL A 73 3.63 2.72 21.32
C VAL A 73 5.08 2.27 21.19
N THR A 74 5.36 1.40 20.21
CA THR A 74 6.72 0.88 19.99
C THR A 74 6.97 0.60 18.51
N SER A 75 8.24 0.59 18.11
CA SER A 75 8.61 0.07 16.79
C SER A 75 9.18 -1.34 16.84
N ASP A 76 9.36 -1.85 18.07
CA ASP A 76 10.01 -3.14 18.28
C ASP A 76 9.00 -4.28 18.22
N LYS A 77 8.94 -4.97 17.08
CA LYS A 77 7.88 -5.93 16.82
C LYS A 77 8.36 -7.32 16.40
N GLU A 78 9.68 -7.49 16.31
N GLU A 78 9.75 -7.53 16.25
CA GLU A 78 10.24 -8.74 15.80
CA GLU A 78 10.31 -8.78 15.74
C GLU A 78 10.58 -9.76 16.89
C GLU A 78 10.65 -9.80 16.83
N GLY A 79 10.04 -10.96 16.74
CA GLY A 79 10.34 -12.06 17.64
C GLY A 79 9.59 -12.03 18.95
N PRO A 80 9.69 -13.13 19.72
CA PRO A 80 9.00 -13.30 21.00
C PRO A 80 9.61 -12.52 22.17
N ASN A 81 10.81 -11.98 21.99
CA ASN A 81 11.40 -11.14 23.03
C ASN A 81 11.22 -9.65 22.70
N SER A 82 10.44 -9.36 21.68
CA SER A 82 10.14 -7.96 21.30
C SER A 82 9.19 -7.29 22.28
N VAL A 83 9.26 -5.96 22.35
CA VAL A 83 8.32 -5.19 23.16
C VAL A 83 6.87 -5.57 22.79
N PHE A 84 6.59 -5.63 21.50
CA PHE A 84 5.26 -6.02 21.05
C PHE A 84 4.77 -7.35 21.63
N GLU A 85 5.59 -8.40 21.51
CA GLU A 85 5.14 -9.73 21.92
C GLU A 85 5.02 -9.84 23.45
N LYS A 86 5.81 -9.06 24.17
CA LYS A 86 5.74 -9.07 25.63
C LYS A 86 4.52 -8.33 26.16
N GLU A 87 4.09 -7.29 25.45
CA GLU A 87 2.92 -6.53 25.86
C GLU A 87 1.63 -7.15 25.35
N LEU A 88 1.74 -7.99 24.33
CA LEU A 88 0.57 -8.59 23.67
C LEU A 88 -0.41 -9.38 24.55
N PRO A 89 0.09 -10.22 25.50
CA PRO A 89 -0.82 -11.08 26.27
C PRO A 89 -1.96 -10.38 27.01
N ASP A 90 -1.83 -9.10 27.35
CA ASP A 90 -2.96 -8.40 27.97
C ASP A 90 -3.43 -7.16 27.21
N ALA A 91 -3.14 -7.11 25.91
CA ALA A 91 -3.63 -6.01 25.08
C ALA A 91 -5.05 -6.27 24.63
N ASP A 92 -5.93 -5.26 24.80
CA ASP A 92 -7.31 -5.39 24.36
C ASP A 92 -7.44 -5.07 22.88
N ILE A 93 -6.59 -4.13 22.44
CA ILE A 93 -6.64 -3.60 21.09
C ILE A 93 -5.20 -3.54 20.56
N VAL A 94 -5.01 -3.99 19.33
CA VAL A 94 -3.70 -3.88 18.68
C VAL A 94 -3.87 -3.05 17.41
N ILE A 95 -2.98 -2.08 17.20
CA ILE A 95 -3.03 -1.22 16.01
C ILE A 95 -1.66 -1.24 15.34
N SER A 96 -1.63 -1.42 14.02
CA SER A 96 -0.38 -1.17 13.26
C SER A 96 -0.69 -0.85 11.80
N GLN A 97 0.34 -0.34 11.11
CA GLN A 97 0.24 0.01 9.68
C GLN A 97 0.91 -1.04 8.83
N PRO A 98 0.45 -1.20 7.58
CA PRO A 98 1.12 -2.14 6.68
C PRO A 98 2.57 -1.73 6.39
N PHE A 99 2.90 -0.45 6.58
CA PHE A 99 4.27 0.05 6.39
C PHE A 99 5.23 -0.42 7.47
N TRP A 100 4.70 -0.88 8.60
CA TRP A 100 5.52 -1.42 9.69
C TRP A 100 4.64 -2.32 10.56
N PRO A 101 4.27 -3.50 10.04
CA PRO A 101 3.15 -4.26 10.58
C PRO A 101 3.48 -5.17 11.75
N ALA A 102 2.62 -5.16 12.77
CA ALA A 102 2.71 -6.13 13.85
C ALA A 102 1.91 -7.37 13.49
N TYR A 103 2.60 -8.41 13.05
CA TYR A 103 1.96 -9.62 12.55
C TYR A 103 1.12 -10.30 13.63
N LEU A 104 -0.14 -10.56 13.29
CA LEU A 104 -1.00 -11.34 14.16
C LEU A 104 -1.16 -12.73 13.55
N THR A 105 -0.12 -13.54 13.73
CA THR A 105 -0.14 -14.93 13.30
C THR A 105 -1.09 -15.71 14.21
N ALA A 106 -1.49 -16.92 13.80
CA ALA A 106 -2.34 -17.76 14.64
C ALA A 106 -1.73 -17.95 16.04
N GLU A 107 -0.41 -18.10 16.07
CA GLU A 107 0.32 -18.33 17.32
C GLU A 107 0.22 -17.12 18.25
N ARG A 108 0.38 -15.93 17.68
CA ARG A 108 0.28 -14.72 18.48
C ARG A 108 -1.15 -14.46 18.92
N ILE A 109 -2.11 -14.75 18.05
CA ILE A 109 -3.52 -14.58 18.42
C ILE A 109 -3.86 -15.50 19.59
N ALA A 110 -3.30 -16.72 19.58
CA ALA A 110 -3.53 -17.67 20.65
C ALA A 110 -3.05 -17.16 22.01
N LYS A 111 -1.92 -16.44 22.04
CA LYS A 111 -1.42 -15.95 23.32
C LYS A 111 -1.91 -14.56 23.67
N ALA A 112 -2.59 -13.89 22.73
CA ALA A 112 -3.23 -12.60 23.02
C ALA A 112 -4.56 -12.84 23.74
N LYS A 113 -4.47 -13.16 25.04
CA LYS A 113 -5.65 -13.63 25.76
C LYS A 113 -6.75 -12.56 25.95
N LYS A 114 -6.40 -11.29 25.79
CA LYS A 114 -7.38 -10.22 25.99
C LYS A 114 -7.82 -9.55 24.70
N LEU A 115 -7.29 -10.02 23.58
CA LEU A 115 -7.47 -9.30 22.31
C LEU A 115 -8.91 -9.36 21.80
N LYS A 116 -9.46 -8.20 21.46
CA LYS A 116 -10.82 -8.09 20.95
C LYS A 116 -10.89 -7.36 19.61
N LEU A 117 -9.96 -6.44 19.41
CA LEU A 117 -9.95 -5.61 18.20
C LEU A 117 -8.55 -5.51 17.59
N ALA A 118 -8.43 -5.92 16.33
CA ALA A 118 -7.18 -5.78 15.56
C ALA A 118 -7.45 -4.74 14.52
N LEU A 119 -6.84 -3.57 14.71
CA LEU A 119 -7.17 -2.42 13.89
C LEU A 119 -6.01 -2.06 12.98
N THR A 120 -6.23 -2.11 11.68
CA THR A 120 -5.20 -1.62 10.75
C THR A 120 -5.29 -0.11 10.65
N ALA A 121 -4.15 0.56 10.81
CA ALA A 121 -4.07 1.98 10.49
C ALA A 121 -3.61 2.06 9.04
N GLY A 122 -4.57 2.28 8.14
CA GLY A 122 -4.34 2.18 6.71
C GLY A 122 -5.33 1.18 6.12
N ILE A 123 -4.95 0.52 5.04
CA ILE A 123 -5.86 -0.42 4.39
C ILE A 123 -5.44 -1.88 4.44
N GLY A 124 -6.43 -2.77 4.40
CA GLY A 124 -6.18 -4.19 4.33
C GLY A 124 -5.92 -4.86 5.66
N SER A 125 -5.45 -6.10 5.59
CA SER A 125 -5.17 -6.91 6.77
C SER A 125 -4.14 -8.01 6.51
N ASP A 126 -3.31 -7.81 5.50
CA ASP A 126 -2.37 -8.84 5.04
C ASP A 126 -1.55 -9.46 6.17
N HIS A 127 -1.41 -8.71 7.26
CA HIS A 127 -0.54 -9.12 8.36
C HIS A 127 -1.30 -9.83 9.48
N VAL A 128 -2.57 -10.04 9.20
CA VAL A 128 -3.42 -10.70 10.20
C VAL A 128 -3.94 -12.06 9.70
N ASP A 129 -3.89 -13.18 10.48
CA ASP A 129 -4.42 -14.49 10.08
C ASP A 129 -5.92 -14.46 10.29
N LEU A 130 -6.67 -14.28 9.20
CA LEU A 130 -8.11 -14.08 9.30
C LEU A 130 -8.83 -15.35 9.77
N ASN A 131 -8.29 -16.52 9.44
CA ASN A 131 -8.91 -17.75 9.90
C ASN A 131 -8.86 -17.86 11.42
N ALA A 132 -7.72 -17.49 11.99
CA ALA A 132 -7.55 -17.49 13.43
C ALA A 132 -8.43 -16.43 14.08
N ALA A 133 -8.49 -15.25 13.44
CA ALA A 133 -9.33 -14.17 13.94
C ALA A 133 -10.81 -14.59 13.98
N ILE A 134 -11.27 -15.26 12.93
CA ILE A 134 -12.65 -15.74 12.86
C ILE A 134 -12.94 -16.67 14.04
N LYS A 135 -12.06 -17.64 14.27
CA LYS A 135 -12.28 -18.60 15.34
C LYS A 135 -12.17 -17.99 16.73
N ALA A 136 -11.29 -16.99 16.87
CA ALA A 136 -11.11 -16.35 18.17
C ALA A 136 -12.24 -15.37 18.50
N GLY A 137 -13.06 -15.03 17.51
CA GLY A 137 -14.21 -14.17 17.73
C GLY A 137 -13.91 -12.68 17.73
N ILE A 138 -12.69 -12.33 17.35
CA ILE A 138 -12.23 -10.94 17.41
C ILE A 138 -12.68 -10.11 16.20
N THR A 139 -12.59 -8.80 16.33
CA THR A 139 -12.95 -7.90 15.23
C THR A 139 -11.68 -7.41 14.54
N VAL A 140 -11.67 -7.44 13.21
CA VAL A 140 -10.55 -6.93 12.43
C VAL A 140 -11.12 -5.83 11.54
N ALA A 141 -10.53 -4.63 11.60
CA ALA A 141 -11.05 -3.48 10.87
C ALA A 141 -9.94 -2.66 10.22
N GLU A 142 -10.33 -1.85 9.24
CA GLU A 142 -9.43 -1.02 8.44
C GLU A 142 -10.11 0.29 8.07
N GLU A 143 -9.34 1.32 7.73
CA GLU A 143 -9.97 2.53 7.22
C GLU A 143 -10.02 2.42 5.70
N THR A 144 -11.08 1.79 5.23
CA THR A 144 -11.26 1.47 3.82
C THR A 144 -11.04 2.67 2.90
N PHE A 145 -10.21 2.43 1.89
N PHE A 145 -10.24 2.49 1.85
CA PHE A 145 -9.79 3.41 0.87
CA PHE A 145 -9.98 3.55 0.86
C PHE A 145 -9.10 4.67 1.38
C PHE A 145 -9.11 4.71 1.37
N SER A 146 -8.68 4.66 2.64
CA SER A 146 -8.04 5.84 3.25
C SER A 146 -6.78 6.30 2.51
N ASN A 147 -6.06 5.37 1.90
CA ASN A 147 -4.86 5.77 1.17
C ASN A 147 -4.79 5.19 -0.26
N GLY A 148 -5.94 4.80 -0.79
CA GLY A 148 -5.97 4.24 -2.13
C GLY A 148 -5.54 5.22 -3.22
N ILE A 149 -6.00 6.47 -3.12
CA ILE A 149 -5.59 7.47 -4.11
C ILE A 149 -4.08 7.73 -4.07
N CYS A 150 -3.50 7.71 -2.86
CA CYS A 150 -2.05 7.87 -2.70
C CYS A 150 -1.29 6.84 -3.54
N VAL A 151 -1.73 5.59 -3.46
CA VAL A 151 -1.06 4.50 -4.15
C VAL A 151 -1.22 4.68 -5.65
N ALA A 152 -2.43 5.06 -6.08
CA ALA A 152 -2.68 5.29 -7.51
C ALA A 152 -1.75 6.36 -8.09
N GLU A 153 -1.59 7.47 -7.38
CA GLU A 153 -0.68 8.53 -7.81
C GLU A 153 0.76 8.06 -7.90
N HIS A 154 1.21 7.33 -6.88
CA HIS A 154 2.57 6.80 -6.86
C HIS A 154 2.81 5.91 -8.07
N ALA A 155 1.84 5.06 -8.41
CA ALA A 155 1.98 4.15 -9.56
C ALA A 155 2.12 4.90 -10.90
N VAL A 156 1.23 5.86 -11.14
CA VAL A 156 1.29 6.62 -12.38
C VAL A 156 2.60 7.42 -12.45
N MET A 157 3.02 7.98 -11.32
CA MET A 157 4.28 8.72 -11.24
C MET A 157 5.42 7.80 -11.66
N MET A 158 5.43 6.57 -11.13
CA MET A 158 6.48 5.60 -11.48
C MET A 158 6.46 5.20 -12.96
N ILE A 159 5.27 4.98 -13.51
CA ILE A 159 5.15 4.68 -14.94
C ILE A 159 5.80 5.78 -15.79
N LEU A 160 5.42 7.03 -15.56
CA LEU A 160 6.00 8.13 -16.33
C LEU A 160 7.52 8.22 -16.15
N ALA A 161 7.99 8.06 -14.92
CA ALA A 161 9.44 8.18 -14.66
C ALA A 161 10.23 7.12 -15.42
N LEU A 162 9.71 5.89 -15.45
CA LEU A 162 10.40 4.79 -16.13
C LEU A 162 10.44 5.03 -17.64
N VAL A 163 9.28 5.27 -18.23
CA VAL A 163 9.17 5.37 -19.69
C VAL A 163 10.00 6.55 -20.22
N ARG A 164 10.01 7.67 -19.50
CA ARG A 164 10.69 8.89 -19.96
C ARG A 164 12.17 8.97 -19.56
N ASN A 165 12.64 7.99 -18.78
CA ASN A 165 14.04 7.97 -18.31
C ASN A 165 14.42 9.12 -17.36
N TYR A 166 13.50 9.44 -16.45
CA TYR A 166 13.65 10.57 -15.54
C TYR A 166 14.82 10.40 -14.59
N LEU A 167 14.89 9.27 -13.90
CA LEU A 167 15.82 9.13 -12.78
C LEU A 167 17.30 9.27 -13.18
N PRO A 168 17.74 8.61 -14.26
CA PRO A 168 19.13 8.79 -14.68
C PRO A 168 19.39 10.20 -15.21
N SER A 169 18.40 10.82 -15.82
CA SER A 169 18.54 12.17 -16.34
C SER A 169 18.68 13.21 -15.23
N HIS A 170 17.96 13.01 -14.12
CA HIS A 170 18.10 13.91 -12.97
C HIS A 170 19.50 13.80 -12.40
N LYS A 171 20.01 12.58 -12.31
CA LYS A 171 21.35 12.36 -11.80
C LYS A 171 22.40 13.13 -12.63
N ILE A 172 22.25 13.10 -13.94
CA ILE A 172 23.15 13.86 -14.82
C ILE A 172 23.07 15.37 -14.55
N ALA A 173 21.87 15.89 -14.32
CA ALA A 173 21.73 17.31 -13.97
C ALA A 173 22.45 17.64 -12.67
N GLU A 174 22.23 16.84 -11.63
CA GLU A 174 22.82 17.15 -10.34
C GLU A 174 24.35 16.90 -10.29
N GLU A 175 24.86 16.07 -11.20
CA GLU A 175 26.28 15.74 -11.21
C GLU A 175 27.11 16.66 -12.11
N GLY A 176 26.47 17.63 -12.74
CA GLY A 176 27.17 18.63 -13.53
C GLY A 176 27.25 18.32 -15.02
N GLY A 177 26.53 17.29 -15.46
CA GLY A 177 26.52 16.93 -16.86
C GLY A 177 25.44 17.62 -17.68
N TRP A 178 25.36 17.26 -18.96
CA TRP A 178 24.33 17.78 -19.85
C TRP A 178 23.90 16.59 -20.69
N ASN A 179 24.73 16.20 -21.65
CA ASN A 179 24.64 14.87 -22.26
C ASN A 179 23.24 14.51 -22.77
N ILE A 180 22.66 15.35 -23.62
CA ILE A 180 21.30 15.13 -24.10
C ILE A 180 21.09 13.75 -24.68
N ALA A 181 22.03 13.30 -25.51
CA ALA A 181 21.90 12.00 -26.17
C ALA A 181 21.86 10.86 -25.16
N ASP A 182 22.66 10.98 -24.09
CA ASP A 182 22.63 9.96 -23.03
C ASP A 182 21.26 9.93 -22.35
N CYS A 183 20.70 11.11 -22.09
CA CYS A 183 19.41 11.21 -21.41
C CYS A 183 18.29 10.62 -22.24
N VAL A 184 18.28 10.92 -23.53
CA VAL A 184 17.15 10.52 -24.37
C VAL A 184 17.32 9.15 -25.03
N SER A 185 18.49 8.54 -24.87
CA SER A 185 18.75 7.22 -25.44
C SER A 185 17.77 6.14 -24.99
N ARG A 186 17.12 6.36 -23.84
CA ARG A 186 16.10 5.45 -23.34
C ARG A 186 14.81 6.17 -22.97
N SER A 187 14.58 7.34 -23.56
CA SER A 187 13.43 8.18 -23.20
C SER A 187 12.32 8.08 -24.24
N TYR A 188 11.15 7.61 -23.82
CA TYR A 188 10.00 7.45 -24.70
C TYR A 188 8.81 8.22 -24.13
N ASP A 189 7.84 8.54 -24.98
CA ASP A 189 6.56 9.05 -24.52
C ASP A 189 5.67 7.88 -24.10
N LEU A 190 4.76 8.15 -23.17
CA LEU A 190 3.76 7.16 -22.77
C LEU A 190 2.63 7.09 -23.80
N GLU A 191 2.34 8.23 -24.45
CA GLU A 191 1.25 8.34 -25.41
C GLU A 191 1.21 7.16 -26.40
N GLY A 192 0.04 6.54 -26.53
CA GLY A 192 -0.17 5.50 -27.51
C GLY A 192 0.26 4.11 -27.10
N MET A 193 0.99 3.99 -25.99
CA MET A 193 1.35 2.67 -25.48
C MET A 193 0.12 1.90 -25.02
N HIS A 194 0.25 0.57 -25.02
CA HIS A 194 -0.75 -0.28 -24.39
C HIS A 194 -0.40 -0.44 -22.91
N VAL A 195 -1.33 -0.04 -22.03
CA VAL A 195 -1.09 -0.10 -20.59
C VAL A 195 -2.21 -0.88 -19.92
N GLY A 196 -1.82 -1.82 -19.06
CA GLY A 196 -2.82 -2.67 -18.40
C GLY A 196 -2.65 -2.70 -16.90
N THR A 197 -3.76 -2.86 -16.18
CA THR A 197 -3.69 -3.05 -14.73
C THR A 197 -4.11 -4.47 -14.38
N VAL A 198 -3.44 -5.05 -13.39
CA VAL A 198 -3.89 -6.32 -12.84
C VAL A 198 -4.83 -5.95 -11.69
N ALA A 199 -6.12 -6.25 -11.91
CA ALA A 199 -7.27 -5.80 -11.11
C ALA A 199 -7.72 -4.39 -11.47
N ALA A 200 -9.00 -4.14 -11.22
CA ALA A 200 -9.60 -2.82 -11.39
C ALA A 200 -10.50 -2.55 -10.19
N GLY A 201 -9.96 -2.84 -9.00
CA GLY A 201 -10.63 -2.49 -7.76
C GLY A 201 -10.47 -1.00 -7.52
N ARG A 202 -10.64 -0.57 -6.27
CA ARG A 202 -10.62 0.85 -5.94
C ARG A 202 -9.33 1.53 -6.45
N ILE A 203 -8.19 0.90 -6.22
CA ILE A 203 -6.92 1.50 -6.62
C ILE A 203 -6.69 1.35 -8.14
N GLY A 204 -6.91 0.16 -8.67
CA GLY A 204 -6.73 -0.07 -10.09
C GLY A 204 -7.58 0.87 -10.94
N LEU A 205 -8.82 1.08 -10.53
CA LEU A 205 -9.71 1.97 -11.27
C LEU A 205 -9.21 3.41 -11.23
N ALA A 206 -8.70 3.84 -10.07
CA ALA A 206 -8.16 5.18 -9.95
C ALA A 206 -6.95 5.36 -10.87
N VAL A 207 -6.15 4.30 -11.03
CA VAL A 207 -5.00 4.34 -11.93
C VAL A 207 -5.46 4.44 -13.38
N LEU A 208 -6.41 3.58 -13.76
CA LEU A 208 -6.97 3.62 -15.12
C LEU A 208 -7.55 4.98 -15.49
N ARG A 209 -8.26 5.61 -14.54
CA ARG A 209 -8.81 6.95 -14.80
C ARG A 209 -7.73 8.01 -15.02
N ARG A 210 -6.64 7.93 -14.25
CA ARG A 210 -5.52 8.86 -14.38
C ARG A 210 -4.73 8.65 -15.66
N LEU A 211 -4.68 7.41 -16.13
CA LEU A 211 -3.97 7.09 -17.36
C LEU A 211 -4.73 7.52 -18.60
N LYS A 212 -6.06 7.51 -18.53
CA LYS A 212 -6.89 7.73 -19.73
C LYS A 212 -6.50 8.97 -20.59
N PRO A 213 -6.33 10.16 -19.97
CA PRO A 213 -6.02 11.33 -20.82
C PRO A 213 -4.60 11.37 -21.37
N PHE A 214 -3.77 10.39 -21.01
CA PHE A 214 -2.46 10.26 -21.65
C PHE A 214 -2.56 9.60 -23.04
N ASP A 215 -3.78 9.24 -23.42
CA ASP A 215 -4.07 8.66 -24.75
C ASP A 215 -3.34 7.34 -24.95
N VAL A 216 -3.32 6.54 -23.89
CA VAL A 216 -2.85 5.16 -23.98
C VAL A 216 -4.03 4.26 -24.34
N LYS A 217 -3.72 3.04 -24.77
CA LYS A 217 -4.76 2.03 -24.99
C LYS A 217 -4.83 1.19 -23.72
N LEU A 218 -6.01 1.16 -23.10
CA LEU A 218 -6.14 0.62 -21.74
C LEU A 218 -6.64 -0.83 -21.70
N HIS A 219 -6.01 -1.62 -20.85
CA HIS A 219 -6.32 -3.04 -20.69
C HIS A 219 -6.45 -3.37 -19.20
N TYR A 220 -7.15 -4.45 -18.88
CA TYR A 220 -7.08 -4.95 -17.50
C TYR A 220 -7.40 -6.42 -17.44
N THR A 221 -7.01 -7.04 -16.33
CA THR A 221 -7.46 -8.39 -16.03
C THR A 221 -8.03 -8.37 -14.61
N ALA A 222 -8.93 -9.30 -14.30
CA ALA A 222 -9.55 -9.34 -12.98
C ALA A 222 -10.25 -10.67 -12.79
N ARG A 223 -10.32 -11.13 -11.55
CA ARG A 223 -11.07 -12.35 -11.27
C ARG A 223 -12.56 -12.08 -11.46
N HIS A 224 -13.00 -10.89 -11.05
CA HIS A 224 -14.38 -10.47 -11.25
C HIS A 224 -14.41 -9.28 -12.20
N ARG A 225 -14.94 -9.48 -13.41
CA ARG A 225 -14.97 -8.42 -14.42
C ARG A 225 -15.76 -7.21 -13.94
N SER A 226 -15.33 -6.02 -14.34
CA SER A 226 -16.02 -4.79 -13.99
C SER A 226 -17.29 -4.64 -14.82
N PRO A 227 -18.23 -3.82 -14.32
CA PRO A 227 -19.45 -3.53 -15.07
C PRO A 227 -19.18 -2.91 -16.43
N ARG A 228 -20.09 -3.16 -17.37
CA ARG A 228 -19.94 -2.64 -18.72
C ARG A 228 -19.82 -1.11 -18.72
N ALA A 229 -20.49 -0.46 -17.79
CA ALA A 229 -20.44 1.01 -17.74
C ALA A 229 -19.02 1.56 -17.49
N ILE A 230 -18.25 0.87 -16.66
CA ILE A 230 -16.85 1.24 -16.41
C ILE A 230 -16.03 1.02 -17.68
N GLU A 231 -16.23 -0.12 -18.33
CA GLU A 231 -15.43 -0.45 -19.50
C GLU A 231 -15.72 0.55 -20.61
N ASP A 232 -16.98 0.93 -20.75
CA ASP A 232 -17.35 1.92 -21.76
C ASP A 232 -16.79 3.31 -21.41
N GLU A 233 -16.78 3.65 -20.12
CA GLU A 233 -16.27 4.95 -19.67
C GLU A 233 -14.81 5.15 -20.12
N LEU A 234 -14.02 4.11 -19.92
CA LEU A 234 -12.57 4.22 -20.05
C LEU A 234 -12.04 3.63 -21.35
N GLY A 235 -12.89 2.93 -22.10
CA GLY A 235 -12.44 2.23 -23.29
C GLY A 235 -11.54 1.04 -22.94
N LEU A 236 -11.95 0.27 -21.92
CA LEU A 236 -11.13 -0.85 -21.46
C LEU A 236 -11.28 -2.11 -22.31
N THR A 237 -10.16 -2.80 -22.53
CA THR A 237 -10.18 -4.15 -23.08
C THR A 237 -9.93 -5.12 -21.93
N TYR A 238 -10.82 -6.08 -21.74
CA TYR A 238 -10.71 -7.05 -20.65
C TYR A 238 -10.01 -8.33 -21.09
N HIS A 239 -9.12 -8.83 -20.24
CA HIS A 239 -8.48 -10.13 -20.47
C HIS A 239 -8.79 -11.10 -19.33
N ALA A 240 -9.09 -12.36 -19.67
CA ALA A 240 -9.40 -13.35 -18.65
C ALA A 240 -8.20 -13.68 -17.77
N THR A 241 -6.99 -13.58 -18.33
CA THR A 241 -5.77 -13.87 -17.57
C THR A 241 -4.67 -12.82 -17.73
N ALA A 242 -3.75 -12.81 -16.78
CA ALA A 242 -2.59 -11.91 -16.85
C ALA A 242 -1.68 -12.28 -18.01
N GLU A 243 -1.53 -13.57 -18.30
CA GLU A 243 -0.70 -14.00 -19.41
C GLU A 243 -1.18 -13.45 -20.75
N GLU A 244 -2.50 -13.47 -20.97
CA GLU A 244 -3.08 -12.89 -22.18
C GLU A 244 -2.82 -11.40 -22.25
N MET A 245 -2.98 -10.72 -21.12
CA MET A 245 -2.77 -9.27 -21.12
C MET A 245 -1.30 -8.93 -21.37
N ALA A 246 -0.41 -9.75 -20.80
CA ALA A 246 1.03 -9.49 -20.93
C ALA A 246 1.49 -9.50 -22.39
N GLU A 247 0.85 -10.35 -23.21
CA GLU A 247 1.22 -10.45 -24.62
C GLU A 247 0.99 -9.16 -25.40
N VAL A 248 0.09 -8.31 -24.93
CA VAL A 248 -0.28 -7.12 -25.70
C VAL A 248 0.10 -5.79 -25.07
N CYS A 249 0.57 -5.80 -23.82
CA CYS A 249 0.87 -4.54 -23.12
C CYS A 249 2.34 -4.13 -23.14
N ASP A 250 2.55 -2.82 -23.23
CA ASP A 250 3.88 -2.23 -23.11
C ASP A 250 4.21 -1.95 -21.65
N VAL A 251 3.17 -1.65 -20.87
CA VAL A 251 3.33 -1.30 -19.47
C VAL A 251 2.24 -2.03 -18.70
N ILE A 252 2.60 -2.69 -17.60
CA ILE A 252 1.60 -3.27 -16.70
C ILE A 252 1.82 -2.74 -15.29
N SER A 253 0.72 -2.38 -14.61
CA SER A 253 0.78 -1.91 -13.24
C SER A 253 -0.07 -2.84 -12.38
N ILE A 254 0.53 -3.38 -11.32
CA ILE A 254 -0.15 -4.40 -10.50
C ILE A 254 -0.93 -3.77 -9.34
N HIS A 255 -2.21 -4.15 -9.20
CA HIS A 255 -3.07 -3.60 -8.16
C HIS A 255 -4.00 -4.66 -7.59
N ALA A 256 -3.47 -5.87 -7.48
CA ALA A 256 -4.24 -7.03 -7.03
C ALA A 256 -3.79 -7.43 -5.63
N PRO A 257 -4.66 -8.12 -4.87
CA PRO A 257 -4.22 -8.64 -3.56
C PRO A 257 -3.36 -9.88 -3.76
N LEU A 258 -2.57 -10.23 -2.75
CA LEU A 258 -1.74 -11.43 -2.80
C LEU A 258 -2.51 -12.61 -2.24
N TYR A 259 -2.62 -13.67 -3.04
CA TYR A 259 -3.29 -14.90 -2.66
C TYR A 259 -2.78 -15.94 -3.66
N PRO A 260 -3.02 -17.25 -3.42
CA PRO A 260 -2.35 -18.27 -4.24
C PRO A 260 -2.33 -18.05 -5.76
N ALA A 261 -3.39 -17.55 -6.35
CA ALA A 261 -3.42 -17.35 -7.81
C ALA A 261 -2.51 -16.21 -8.30
N THR A 262 -2.12 -15.31 -7.39
CA THR A 262 -1.25 -14.19 -7.78
C THR A 262 0.16 -14.29 -7.21
N GLU A 263 0.41 -15.24 -6.30
CA GLU A 263 1.76 -15.42 -5.79
C GLU A 263 2.70 -15.90 -6.91
N HIS A 264 3.79 -15.16 -7.10
CA HIS A 264 4.74 -15.40 -8.19
C HIS A 264 4.05 -15.44 -9.55
N LEU A 265 2.97 -14.68 -9.69
CA LEU A 265 2.30 -14.55 -10.98
C LEU A 265 3.24 -13.99 -12.03
N PHE A 266 3.97 -12.93 -11.68
CA PHE A 266 4.91 -12.35 -12.62
C PHE A 266 6.28 -12.98 -12.48
N ASN A 267 6.37 -14.22 -12.97
CA ASN A 267 7.65 -14.92 -13.07
C ASN A 267 8.15 -14.92 -14.51
N ALA A 268 9.25 -15.62 -14.75
CA ALA A 268 9.88 -15.63 -16.06
C ALA A 268 8.92 -16.03 -17.18
N LYS A 269 8.03 -16.98 -16.91
CA LYS A 269 7.07 -17.42 -17.92
C LYS A 269 6.18 -16.27 -18.42
N VAL A 270 5.65 -15.49 -17.49
CA VAL A 270 4.76 -14.39 -17.85
C VAL A 270 5.58 -13.24 -18.44
N LEU A 271 6.71 -12.93 -17.81
CA LEU A 271 7.57 -11.85 -18.28
C LEU A 271 8.02 -12.04 -19.74
N ASN A 272 8.29 -13.29 -20.10
CA ASN A 272 8.73 -13.61 -21.46
C ASN A 272 7.62 -13.57 -22.49
N LYS A 273 6.38 -13.48 -22.02
CA LYS A 273 5.24 -13.30 -22.92
C LYS A 273 5.14 -11.85 -23.38
N MET A 274 5.75 -10.95 -22.61
CA MET A 274 5.74 -9.53 -22.95
C MET A 274 6.74 -9.23 -24.06
N ARG A 275 6.49 -8.14 -24.79
CA ARG A 275 7.44 -7.70 -25.79
C ARG A 275 8.74 -7.26 -25.11
N HIS A 276 9.87 -7.57 -25.71
CA HIS A 276 11.17 -7.15 -25.19
C HIS A 276 11.19 -5.62 -25.01
N GLY A 277 11.51 -5.16 -23.80
CA GLY A 277 11.56 -3.74 -23.53
C GLY A 277 10.28 -3.19 -22.92
N SER A 278 9.51 -4.07 -22.28
CA SER A 278 8.29 -3.65 -21.59
C SER A 278 8.58 -3.12 -20.17
N TYR A 279 7.55 -2.56 -19.55
CA TYR A 279 7.69 -1.93 -18.23
C TYR A 279 6.70 -2.54 -17.25
N LEU A 280 7.13 -2.68 -16.00
CA LEU A 280 6.30 -3.26 -14.94
C LEU A 280 6.38 -2.41 -13.68
N VAL A 281 5.21 -2.09 -13.11
CA VAL A 281 5.13 -1.30 -11.88
C VAL A 281 4.33 -2.10 -10.86
N ASN A 282 4.83 -2.17 -9.64
CA ASN A 282 4.18 -2.99 -8.60
C ASN A 282 4.11 -2.24 -7.28
N THR A 283 2.96 -1.65 -7.02
CA THR A 283 2.69 -0.96 -5.75
C THR A 283 1.71 -1.77 -4.91
N ALA A 284 1.60 -3.05 -5.20
CA ALA A 284 0.61 -3.93 -4.56
C ALA A 284 1.27 -4.79 -3.50
N ARG A 285 1.79 -5.94 -3.94
N ARG A 285 1.80 -5.91 -3.95
CA ARG A 285 2.54 -6.84 -3.06
CA ARG A 285 2.57 -6.83 -3.13
C ARG A 285 3.71 -7.45 -3.82
C ARG A 285 3.74 -7.47 -3.86
N ALA A 286 4.88 -7.41 -3.20
CA ALA A 286 6.11 -7.80 -3.88
C ALA A 286 6.09 -9.25 -4.33
N GLU A 287 5.45 -10.09 -3.52
N GLU A 287 5.44 -10.11 -3.56
CA GLU A 287 5.43 -11.52 -3.78
CA GLU A 287 5.49 -11.52 -3.87
C GLU A 287 4.57 -11.90 -4.99
C GLU A 287 4.53 -11.92 -5.00
N ILE A 288 3.88 -10.93 -5.58
CA ILE A 288 3.20 -11.17 -6.85
C ILE A 288 4.24 -11.31 -7.99
N CYS A 289 5.41 -10.73 -7.79
CA CYS A 289 6.52 -10.93 -8.71
C CYS A 289 7.49 -11.97 -8.14
N ASP A 290 8.20 -12.68 -9.01
CA ASP A 290 9.31 -13.52 -8.56
C ASP A 290 10.54 -12.62 -8.49
N ARG A 291 11.09 -12.45 -7.30
CA ARG A 291 12.18 -11.50 -7.08
C ARG A 291 13.35 -11.64 -8.07
N ASP A 292 13.88 -12.85 -8.20
CA ASP A 292 15.04 -13.05 -9.07
C ASP A 292 14.69 -13.01 -10.55
N ASP A 293 13.46 -13.40 -10.90
CA ASP A 293 13.03 -13.33 -12.30
C ASP A 293 12.96 -11.87 -12.78
N ILE A 294 12.58 -10.96 -11.88
CA ILE A 294 12.58 -9.53 -12.19
C ILE A 294 14.01 -9.04 -12.47
N VAL A 295 14.95 -9.48 -11.62
CA VAL A 295 16.35 -9.12 -11.80
C VAL A 295 16.83 -9.55 -13.19
N ARG A 296 16.59 -10.81 -13.49
CA ARG A 296 17.07 -11.40 -14.73
C ARG A 296 16.46 -10.73 -15.96
N ALA A 297 15.17 -10.37 -15.86
CA ALA A 297 14.49 -9.70 -16.95
C ALA A 297 15.09 -8.31 -17.24
N LEU A 298 15.50 -7.60 -16.19
CA LEU A 298 16.09 -6.27 -16.36
C LEU A 298 17.52 -6.38 -16.86
N GLU A 299 18.21 -7.45 -16.45
CA GLU A 299 19.59 -7.67 -16.90
C GLU A 299 19.65 -8.07 -18.37
N SER A 300 18.62 -8.77 -18.83
CA SER A 300 18.54 -9.22 -20.22
C SER A 300 17.90 -8.17 -21.13
N GLY A 301 17.17 -7.25 -20.52
CA GLY A 301 16.46 -6.24 -21.29
C GLY A 301 15.02 -6.64 -21.61
N GLN A 302 14.62 -7.84 -21.21
CA GLN A 302 13.24 -8.26 -21.40
C GLN A 302 12.30 -7.21 -20.79
N LEU A 303 12.65 -6.72 -19.60
CA LEU A 303 12.03 -5.51 -19.07
C LEU A 303 12.96 -4.32 -19.28
N ALA A 304 12.41 -3.22 -19.80
CA ALA A 304 13.18 -1.99 -19.93
C ALA A 304 13.23 -1.24 -18.61
N GLY A 305 12.30 -1.57 -17.70
CA GLY A 305 12.27 -0.91 -16.40
C GLY A 305 11.29 -1.54 -15.43
N TYR A 306 11.58 -1.40 -14.15
CA TYR A 306 10.70 -1.86 -13.08
C TYR A 306 10.72 -0.86 -11.95
N ALA A 307 9.55 -0.62 -11.35
CA ALA A 307 9.47 0.30 -10.22
C ALA A 307 8.34 -0.14 -9.30
N GLY A 308 8.49 0.15 -8.02
CA GLY A 308 7.45 -0.15 -7.06
C GLY A 308 7.89 0.33 -5.70
N ASP A 309 7.02 0.21 -4.71
CA ASP A 309 7.42 0.54 -3.35
C ASP A 309 7.26 -0.62 -2.40
N VAL A 310 6.93 -1.80 -2.91
CA VAL A 310 6.77 -2.99 -2.05
C VAL A 310 7.87 -4.01 -2.30
N TRP A 311 8.33 -4.65 -1.21
CA TRP A 311 9.53 -5.50 -1.25
C TRP A 311 9.27 -6.80 -0.50
N PHE A 312 9.96 -7.88 -0.87
CA PHE A 312 9.92 -9.11 -0.05
C PHE A 312 11.26 -9.29 0.66
N PRO A 313 11.21 -9.83 1.87
CA PRO A 313 11.36 -9.20 3.19
C PRO A 313 11.13 -7.69 3.19
N GLN A 314 10.19 -7.25 4.03
CA GLN A 314 10.17 -5.87 4.49
C GLN A 314 10.50 -5.86 5.98
N PRO A 315 11.35 -4.93 6.41
CA PRO A 315 12.02 -3.93 5.56
C PRO A 315 13.02 -4.63 4.65
N ALA A 316 13.27 -4.06 3.49
CA ALA A 316 14.20 -4.68 2.55
C ALA A 316 15.56 -4.64 3.21
N PRO A 317 16.24 -5.79 3.26
CA PRO A 317 17.60 -5.78 3.80
C PRO A 317 18.49 -4.88 2.94
N ALA A 318 19.60 -4.40 3.50
CA ALA A 318 20.52 -3.55 2.74
C ALA A 318 21.04 -4.25 1.49
N ASN A 319 20.96 -5.58 1.47
CA ASN A 319 21.48 -6.37 0.36
C ASN A 319 20.44 -6.79 -0.68
N HIS A 320 19.20 -6.31 -0.54
CA HIS A 320 18.12 -6.71 -1.45
C HIS A 320 18.49 -6.37 -2.89
N PRO A 321 18.34 -7.36 -3.80
CA PRO A 321 18.80 -7.21 -5.18
C PRO A 321 18.00 -6.18 -5.97
N TRP A 322 16.81 -5.84 -5.49
CA TRP A 322 15.97 -4.86 -6.20
C TRP A 322 16.48 -3.45 -6.07
N ARG A 323 17.38 -3.22 -5.11
CA ARG A 323 17.90 -1.88 -4.86
C ARG A 323 18.79 -1.36 -5.99
N ASN A 324 19.62 -2.24 -6.56
CA ASN A 324 20.58 -1.81 -7.58
C ASN A 324 20.56 -2.64 -8.87
N MET A 325 19.47 -3.36 -9.09
CA MET A 325 19.25 -3.97 -10.39
C MET A 325 19.11 -2.87 -11.43
N PRO A 326 19.42 -3.19 -12.70
CA PRO A 326 19.41 -2.16 -13.75
C PRO A 326 18.04 -1.54 -13.94
N HIS A 327 18.01 -0.25 -14.26
CA HIS A 327 16.81 0.43 -14.72
C HIS A 327 15.63 0.27 -13.76
N ASN A 328 15.86 0.57 -12.48
CA ASN A 328 14.77 0.50 -11.50
C ASN A 328 14.38 1.88 -10.98
N GLY A 329 13.12 1.98 -10.55
CA GLY A 329 12.62 3.22 -9.98
C GLY A 329 12.06 3.05 -8.59
N MET A 330 12.68 2.17 -7.79
CA MET A 330 12.14 1.81 -6.48
C MET A 330 12.13 2.95 -5.46
N THR A 331 11.17 2.91 -4.53
CA THR A 331 11.25 3.67 -3.28
C THR A 331 11.00 2.67 -2.15
N PRO A 332 11.33 3.07 -0.91
CA PRO A 332 10.88 2.22 0.21
C PRO A 332 9.34 2.23 0.29
N HIS A 333 8.75 1.35 1.09
CA HIS A 333 7.30 1.28 1.20
C HIS A 333 6.73 2.56 1.80
N MET A 334 6.15 3.41 0.95
CA MET A 334 5.80 4.76 1.37
C MET A 334 4.49 5.32 0.79
N SER A 335 3.99 4.76 -0.30
CA SER A 335 2.93 5.45 -1.05
C SER A 335 1.69 5.75 -0.20
N GLY A 336 1.22 4.74 0.51
CA GLY A 336 0.02 4.91 1.32
C GLY A 336 0.30 5.67 2.60
N SER A 337 1.56 6.05 2.85
CA SER A 337 1.87 6.82 4.05
C SER A 337 2.31 8.26 3.72
N SER A 338 1.85 8.79 2.61
CA SER A 338 1.98 10.24 2.37
C SER A 338 1.31 10.96 3.55
N LEU A 339 1.75 12.19 3.84
CA LEU A 339 1.13 12.95 4.93
C LEU A 339 -0.38 13.09 4.71
N SER A 340 -0.79 13.17 3.44
CA SER A 340 -2.18 13.30 3.10
C SER A 340 -2.96 12.04 3.47
N GLY A 341 -2.40 10.87 3.13
CA GLY A 341 -3.00 9.60 3.48
C GLY A 341 -3.04 9.38 4.98
N GLN A 342 -1.96 9.75 5.67
CA GLN A 342 -1.93 9.59 7.12
C GLN A 342 -3.03 10.36 7.82
N ALA A 343 -3.36 11.54 7.31
CA ALA A 343 -4.39 12.36 7.92
C ALA A 343 -5.73 11.61 7.89
N ARG A 344 -6.00 10.95 6.78
CA ARG A 344 -7.25 10.18 6.69
C ARG A 344 -7.23 8.90 7.52
N TYR A 345 -6.16 8.12 7.45
CA TYR A 345 -6.22 6.88 8.21
C TYR A 345 -6.08 7.09 9.71
N ALA A 346 -5.36 8.14 10.13
CA ALA A 346 -5.34 8.45 11.57
C ALA A 346 -6.71 8.95 12.06
N ALA A 347 -7.40 9.73 11.24
CA ALA A 347 -8.77 10.16 11.57
C ALA A 347 -9.72 8.97 11.65
N GLY A 348 -9.58 8.03 10.72
CA GLY A 348 -10.42 6.84 10.74
C GLY A 348 -10.11 5.89 11.87
N THR A 349 -8.84 5.78 12.25
CA THR A 349 -8.47 4.94 13.39
C THR A 349 -9.18 5.48 14.62
N ARG A 350 -9.16 6.80 14.77
CA ARG A 350 -9.87 7.42 15.89
C ARG A 350 -11.39 7.26 15.80
N GLU A 351 -11.95 7.43 14.60
CA GLU A 351 -13.40 7.21 14.43
C GLU A 351 -13.81 5.80 14.90
N ILE A 352 -13.04 4.79 14.52
CA ILE A 352 -13.34 3.41 14.88
C ILE A 352 -13.20 3.20 16.38
N LEU A 353 -12.16 3.79 16.99
CA LEU A 353 -11.99 3.65 18.44
C LEU A 353 -13.13 4.32 19.21
N GLU A 354 -13.58 5.48 18.73
CA GLU A 354 -14.74 6.15 19.36
C GLU A 354 -15.96 5.25 19.31
N CYS A 355 -16.20 4.62 18.16
CA CYS A 355 -17.34 3.71 18.05
C CYS A 355 -17.16 2.55 19.01
N TRP A 356 -15.97 1.97 19.02
CA TRP A 356 -15.68 0.80 19.85
C TRP A 356 -15.90 1.09 21.35
N PHE A 357 -15.27 2.14 21.85
CA PHE A 357 -15.35 2.45 23.28
C PHE A 357 -16.75 2.90 23.71
N GLU A 358 -17.54 3.40 22.77
CA GLU A 358 -18.87 3.93 23.09
C GLU A 358 -19.97 2.92 22.80
N ASN A 359 -19.56 1.72 22.41
CA ASN A 359 -20.48 0.64 22.03
C ASN A 359 -21.45 1.07 20.93
N ARG A 360 -20.92 1.73 19.91
CA ARG A 360 -21.67 2.10 18.73
C ARG A 360 -21.10 1.27 17.57
N PRO A 361 -21.93 0.97 16.57
CA PRO A 361 -21.42 0.12 15.49
C PRO A 361 -20.29 0.81 14.72
N ILE A 362 -19.28 0.03 14.37
CA ILE A 362 -18.24 0.47 13.44
C ILE A 362 -18.86 0.38 12.05
N ARG A 363 -18.56 1.34 11.17
CA ARG A 363 -19.07 1.31 9.79
C ARG A 363 -18.90 -0.07 9.19
N ASP A 364 -19.95 -0.56 8.52
CA ASP A 364 -19.85 -1.86 7.87
C ASP A 364 -18.70 -1.92 6.88
N GLU A 365 -18.46 -0.83 6.18
CA GLU A 365 -17.44 -0.82 5.14
C GLU A 365 -16.01 -0.91 5.70
N TYR A 366 -15.85 -0.67 7.01
CA TYR A 366 -14.55 -0.80 7.67
C TYR A 366 -14.27 -2.22 8.18
N LEU A 367 -15.30 -3.06 8.29
CA LEU A 367 -15.12 -4.35 8.95
C LEU A 367 -14.63 -5.46 8.03
N ILE A 368 -13.56 -6.13 8.44
CA ILE A 368 -12.99 -7.26 7.70
C ILE A 368 -13.47 -8.60 8.28
N VAL A 369 -13.37 -8.74 9.61
CA VAL A 369 -14.12 -9.80 10.31
C VAL A 369 -14.69 -9.23 11.59
N SER A 370 -15.88 -9.69 11.96
CA SER A 370 -16.49 -9.25 13.21
C SER A 370 -17.32 -10.39 13.78
N ASN A 371 -17.10 -10.72 15.05
CA ASN A 371 -17.87 -11.75 15.73
C ASN A 371 -18.07 -13.04 14.94
N GLY A 372 -16.94 -13.60 14.51
CA GLY A 372 -16.92 -14.89 13.84
C GLY A 372 -17.34 -14.84 12.37
N LYS A 373 -17.55 -13.64 11.84
CA LYS A 373 -18.04 -13.49 10.47
C LYS A 373 -17.04 -12.77 9.56
N LEU A 374 -16.82 -13.34 8.38
CA LEU A 374 -15.88 -12.81 7.39
C LEU A 374 -16.64 -11.96 6.39
N ALA A 375 -16.17 -10.74 6.12
CA ALA A 375 -16.85 -9.89 5.13
C ALA A 375 -16.61 -10.34 3.68
N GLY A 376 -15.36 -10.60 3.32
CA GLY A 376 -15.03 -11.02 1.96
C GLY A 376 -14.75 -12.51 1.86
N THR A 377 -13.60 -12.87 1.30
CA THR A 377 -13.11 -14.24 1.38
C THR A 377 -11.59 -14.28 1.55
#